data_6RQS
#
_entry.id   6RQS
#
_entity_poly.entity_id   1
_entity_poly.type   'polypeptide(L)'
_entity_poly.pdbx_seq_one_letter_code
;(BTN)(KFB)RRWRRWWRRWWRRWRR
;
_entity_poly.pdbx_strand_id   A
#
# COMPACT_ATOMS: atom_id res chain seq x y z
N ARG A 3 4.48 11.55 -1.04
CA ARG A 3 3.30 11.19 -0.27
C ARG A 3 3.63 9.99 0.62
N ARG A 4 3.98 10.27 1.87
CA ARG A 4 4.45 9.24 2.80
C ARG A 4 3.41 8.13 2.99
N TRP A 5 2.14 8.48 2.97
CA TRP A 5 1.08 7.51 3.21
C TRP A 5 0.92 6.56 2.01
N ARG A 6 1.20 7.06 0.81
CA ARG A 6 1.13 6.25 -0.40
C ARG A 6 2.13 5.10 -0.34
N ARG A 7 3.22 5.32 0.37
CA ARG A 7 4.22 4.29 0.59
C ARG A 7 3.57 3.06 1.24
N TRP A 8 2.84 3.29 2.32
CA TRP A 8 2.13 2.22 3.01
C TRP A 8 0.92 1.76 2.20
N TRP A 9 0.33 2.72 1.49
CA TRP A 9 -0.84 2.49 0.63
C TRP A 9 -0.60 1.33 -0.33
N ARG A 10 0.49 1.40 -1.10
CA ARG A 10 0.80 0.34 -2.05
C ARG A 10 1.21 -0.94 -1.34
N ARG A 11 1.83 -0.80 -0.17
CA ARG A 11 2.16 -1.95 0.68
C ARG A 11 0.89 -2.73 1.01
N TRP A 12 -0.09 -2.01 1.55
CA TRP A 12 -1.38 -2.59 1.90
C TRP A 12 -2.03 -3.24 0.69
N TRP A 13 -2.03 -2.52 -0.42
CA TRP A 13 -2.65 -2.99 -1.66
C TRP A 13 -2.05 -4.32 -2.08
N ARG A 14 -0.73 -4.34 -2.25
CA ARG A 14 -0.01 -5.51 -2.73
C ARG A 14 -0.16 -6.69 -1.76
N ARG A 15 -0.28 -6.38 -0.48
CA ARG A 15 -0.45 -7.40 0.55
C ARG A 15 -1.87 -7.99 0.52
N TRP A 16 -2.85 -7.16 0.78
CA TRP A 16 -4.22 -7.63 1.00
C TRP A 16 -4.91 -8.03 -0.30
N ARG A 17 -4.98 -7.10 -1.25
CA ARG A 17 -5.78 -7.31 -2.45
C ARG A 17 -5.13 -8.32 -3.39
N ARG A 18 -3.96 -7.96 -3.92
CA ARG A 18 -3.10 -8.86 -4.68
C ARG A 18 -2.12 -8.08 -5.54
N ARG A 3 2.76 12.83 -1.24
CA ARG A 3 1.86 11.86 -0.64
C ARG A 3 2.65 10.70 -0.04
N ARG A 4 3.23 10.93 1.13
CA ARG A 4 4.05 9.92 1.78
C ARG A 4 3.23 8.70 2.22
N TRP A 5 1.97 8.93 2.54
CA TRP A 5 1.08 7.85 2.96
C TRP A 5 0.94 6.79 1.87
N ARG A 6 1.08 7.21 0.61
CA ARG A 6 1.02 6.31 -0.53
C ARG A 6 2.06 5.19 -0.43
N ARG A 7 3.17 5.48 0.23
CA ARG A 7 4.20 4.48 0.48
C ARG A 7 3.61 3.25 1.18
N TRP A 8 2.91 3.49 2.29
CA TRP A 8 2.28 2.42 3.04
C TRP A 8 1.05 1.90 2.30
N TRP A 9 0.41 2.80 1.57
CA TRP A 9 -0.75 2.49 0.73
C TRP A 9 -0.46 1.29 -0.17
N ARG A 10 0.69 1.33 -0.84
CA ARG A 10 1.09 0.24 -1.75
C ARG A 10 1.30 -1.05 -0.98
N ARG A 11 1.81 -0.94 0.24
CA ARG A 11 2.12 -2.09 1.07
C ARG A 11 0.85 -2.84 1.45
N TRP A 12 -0.21 -2.09 1.69
CA TRP A 12 -1.52 -2.66 1.95
C TRP A 12 -2.11 -3.24 0.67
N TRP A 13 -1.94 -2.51 -0.44
CA TRP A 13 -2.53 -2.88 -1.71
C TRP A 13 -2.03 -4.25 -2.18
N ARG A 14 -0.73 -4.37 -2.38
CA ARG A 14 -0.17 -5.58 -2.96
C ARG A 14 -0.34 -6.79 -2.05
N ARG A 15 -0.30 -6.59 -0.76
CA ARG A 15 -0.41 -7.69 0.18
C ARG A 15 -1.82 -8.25 0.27
N TRP A 16 -2.78 -7.41 0.68
CA TRP A 16 -4.12 -7.88 0.95
C TRP A 16 -4.91 -8.20 -0.32
N ARG A 17 -5.19 -7.17 -1.12
CA ARG A 17 -6.03 -7.33 -2.31
C ARG A 17 -5.27 -8.01 -3.45
N ARG A 18 -3.98 -7.67 -3.60
CA ARG A 18 -3.10 -8.30 -4.60
C ARG A 18 -3.43 -7.85 -6.02
N ARG A 3 3.55 12.59 -0.82
CA ARG A 3 2.54 11.65 -0.37
C ARG A 3 3.18 10.50 0.42
N ARG A 4 3.27 10.68 1.73
CA ARG A 4 3.89 9.68 2.60
C ARG A 4 3.00 8.45 2.78
N TRP A 5 1.69 8.66 2.76
CA TRP A 5 0.76 7.59 3.03
C TRP A 5 0.68 6.58 1.88
N ARG A 6 0.90 7.06 0.66
CA ARG A 6 0.84 6.20 -0.52
C ARG A 6 1.88 5.09 -0.45
N ARG A 7 2.99 5.34 0.23
CA ARG A 7 4.00 4.32 0.43
C ARG A 7 3.39 3.11 1.15
N TRP A 8 2.75 3.35 2.28
CA TRP A 8 2.13 2.29 3.06
C TRP A 8 0.94 1.73 2.30
N TRP A 9 0.28 2.61 1.56
CA TRP A 9 -0.83 2.24 0.67
C TRP A 9 -0.40 1.15 -0.30
N ARG A 10 0.77 1.33 -0.91
CA ARG A 10 1.31 0.32 -1.83
C ARG A 10 1.58 -0.99 -1.10
N ARG A 11 2.13 -0.88 0.10
CA ARG A 11 2.43 -2.04 0.93
C ARG A 11 1.16 -2.82 1.26
N TRP A 12 0.14 -2.09 1.68
CA TRP A 12 -1.17 -2.67 1.97
C TRP A 12 -1.80 -3.25 0.71
N TRP A 13 -1.69 -2.50 -0.39
CA TRP A 13 -2.34 -2.83 -1.64
C TRP A 13 -1.95 -4.22 -2.11
N ARG A 14 -0.67 -4.42 -2.39
CA ARG A 14 -0.20 -5.68 -2.95
C ARG A 14 -0.37 -6.84 -1.96
N ARG A 15 -0.34 -6.55 -0.67
CA ARG A 15 -0.52 -7.59 0.32
C ARG A 15 -1.97 -8.08 0.38
N TRP A 16 -2.89 -7.19 0.76
CA TRP A 16 -4.27 -7.60 1.01
C TRP A 16 -5.05 -7.88 -0.28
N ARG A 17 -5.26 -6.85 -1.08
CA ARG A 17 -6.04 -6.99 -2.31
C ARG A 17 -5.23 -7.68 -3.40
N ARG A 18 -3.92 -7.43 -3.39
CA ARG A 18 -2.95 -8.13 -4.24
C ARG A 18 -3.08 -7.75 -5.71
N ARG A 3 3.21 12.20 -0.69
CA ARG A 3 2.81 10.83 -0.98
C ARG A 3 3.32 9.86 0.09
N ARG A 4 3.41 10.35 1.33
CA ARG A 4 3.90 9.54 2.44
C ARG A 4 3.02 8.33 2.66
N TRP A 5 1.73 8.58 2.69
CA TRP A 5 0.74 7.56 2.96
C TRP A 5 0.70 6.52 1.84
N ARG A 6 1.02 6.93 0.63
CA ARG A 6 1.02 6.04 -0.52
C ARG A 6 2.05 4.92 -0.34
N ARG A 7 3.12 5.21 0.39
CA ARG A 7 4.13 4.20 0.70
C ARG A 7 3.48 3.00 1.42
N TRP A 8 2.70 3.30 2.44
CA TRP A 8 2.00 2.25 3.18
C TRP A 8 0.86 1.71 2.34
N TRP A 9 0.22 2.62 1.61
CA TRP A 9 -0.88 2.32 0.71
C TRP A 9 -0.52 1.21 -0.28
N ARG A 10 0.60 1.36 -0.97
CA ARG A 10 1.01 0.40 -1.99
C ARG A 10 1.35 -0.96 -1.39
N ARG A 11 1.98 -0.97 -0.22
CA ARG A 11 2.30 -2.22 0.47
C ARG A 11 1.01 -2.90 0.90
N TRP A 12 0.12 -2.10 1.49
CA TRP A 12 -1.20 -2.56 1.88
C TRP A 12 -1.94 -3.15 0.68
N TRP A 13 -1.86 -2.44 -0.45
CA TRP A 13 -2.52 -2.84 -1.67
C TRP A 13 -2.08 -4.24 -2.08
N ARG A 14 -0.79 -4.39 -2.36
CA ARG A 14 -0.27 -5.65 -2.90
C ARG A 14 -0.37 -6.79 -1.88
N ARG A 15 -0.26 -6.47 -0.60
CA ARG A 15 -0.41 -7.48 0.44
C ARG A 15 -1.86 -7.95 0.57
N TRP A 16 -2.75 -7.00 0.83
CA TRP A 16 -4.15 -7.31 1.11
C TRP A 16 -4.91 -7.71 -0.16
N ARG A 17 -4.95 -6.79 -1.12
CA ARG A 17 -5.68 -6.99 -2.36
C ARG A 17 -4.95 -7.97 -3.28
N ARG A 18 -3.63 -7.97 -3.17
CA ARG A 18 -2.72 -8.82 -3.97
C ARG A 18 -3.07 -8.80 -5.46
N ARG A 3 3.77 12.35 -1.32
CA ARG A 3 2.69 11.76 -0.53
C ARG A 3 3.25 10.65 0.36
N ARG A 4 3.36 10.95 1.65
CA ARG A 4 3.94 10.04 2.62
C ARG A 4 3.08 8.80 2.86
N TRP A 5 1.77 8.98 2.74
CA TRP A 5 0.82 7.91 3.02
C TRP A 5 0.82 6.85 1.91
N ARG A 6 1.09 7.28 0.68
CA ARG A 6 1.08 6.36 -0.46
C ARG A 6 2.08 5.22 -0.29
N ARG A 7 3.15 5.48 0.45
CA ARG A 7 4.18 4.45 0.70
C ARG A 7 3.55 3.19 1.28
N TRP A 8 2.89 3.34 2.42
CA TRP A 8 2.28 2.22 3.11
C TRP A 8 1.04 1.76 2.36
N TRP A 9 0.39 2.72 1.72
CA TRP A 9 -0.77 2.48 0.85
C TRP A 9 -0.49 1.38 -0.17
N ARG A 10 0.63 1.51 -0.87
CA ARG A 10 1.01 0.58 -1.92
C ARG A 10 1.28 -0.81 -1.36
N ARG A 11 1.88 -0.85 -0.17
CA ARG A 11 2.23 -2.12 0.46
C ARG A 11 0.99 -2.83 0.98
N TRP A 12 0.01 -2.05 1.42
CA TRP A 12 -1.29 -2.60 1.81
C TRP A 12 -1.97 -3.26 0.60
N TRP A 13 -1.85 -2.61 -0.54
CA TRP A 13 -2.51 -3.05 -1.77
C TRP A 13 -2.05 -4.46 -2.17
N ARG A 14 -0.75 -4.63 -2.38
CA ARG A 14 -0.22 -5.89 -2.88
C ARG A 14 -0.41 -7.04 -1.88
N ARG A 15 -0.38 -6.71 -0.60
CA ARG A 15 -0.57 -7.72 0.44
C ARG A 15 -2.03 -8.17 0.51
N TRP A 16 -2.93 -7.23 0.82
CA TRP A 16 -4.32 -7.58 1.08
C TRP A 16 -5.06 -7.94 -0.21
N ARG A 17 -5.05 -7.02 -1.17
CA ARG A 17 -5.76 -7.23 -2.43
C ARG A 17 -5.02 -8.24 -3.29
N ARG A 18 -3.76 -7.92 -3.57
CA ARG A 18 -2.90 -8.75 -4.42
C ARG A 18 -3.45 -8.85 -5.83
N ARG A 3 2.80 13.17 0.53
CA ARG A 3 2.32 11.90 -0.01
C ARG A 3 2.94 10.71 0.70
N ARG A 4 3.27 10.91 1.97
CA ARG A 4 3.89 9.88 2.80
C ARG A 4 3.03 8.63 2.93
N TRP A 5 1.72 8.81 2.86
CA TRP A 5 0.76 7.72 3.06
C TRP A 5 0.77 6.73 1.90
N ARG A 6 1.07 7.23 0.70
CA ARG A 6 1.13 6.38 -0.50
C ARG A 6 2.18 5.26 -0.34
N ARG A 7 3.19 5.54 0.46
CA ARG A 7 4.22 4.56 0.76
C ARG A 7 3.61 3.28 1.33
N TRP A 8 2.89 3.41 2.44
CA TRP A 8 2.26 2.27 3.11
C TRP A 8 1.08 1.76 2.29
N TRP A 9 0.43 2.70 1.60
CA TRP A 9 -0.73 2.41 0.75
C TRP A 9 -0.45 1.27 -0.22
N ARG A 10 0.64 1.38 -0.97
CA ARG A 10 0.97 0.40 -1.99
C ARG A 10 1.33 -0.94 -1.37
N ARG A 11 1.91 -0.92 -0.17
CA ARG A 11 2.26 -2.15 0.53
C ARG A 11 1.00 -2.87 0.97
N TRP A 12 0.03 -2.11 1.45
CA TRP A 12 -1.26 -2.65 1.84
C TRP A 12 -1.98 -3.28 0.64
N TRP A 13 -1.98 -2.55 -0.46
CA TRP A 13 -2.63 -2.97 -1.69
C TRP A 13 -2.15 -4.37 -2.10
N ARG A 14 -0.86 -4.49 -2.36
CA ARG A 14 -0.31 -5.74 -2.87
C ARG A 14 -0.45 -6.87 -1.85
N ARG A 15 -0.46 -6.53 -0.56
CA ARG A 15 -0.57 -7.51 0.48
C ARG A 15 -1.98 -8.09 0.56
N TRP A 16 -2.96 -7.25 0.86
CA TRP A 16 -4.33 -7.72 1.05
C TRP A 16 -4.99 -8.06 -0.27
N ARG A 17 -5.01 -7.10 -1.17
CA ARG A 17 -5.69 -7.26 -2.45
C ARG A 17 -4.92 -8.18 -3.38
N ARG A 18 -3.59 -8.02 -3.36
CA ARG A 18 -2.67 -8.76 -4.23
C ARG A 18 -2.87 -8.40 -5.70
N ARG A 3 4.15 12.16 0.25
CA ARG A 3 3.44 10.96 -0.18
C ARG A 3 3.78 9.77 0.72
N ARG A 4 4.18 10.04 1.96
CA ARG A 4 4.59 8.98 2.88
C ARG A 4 3.46 7.97 3.11
N TRP A 5 2.24 8.47 3.04
CA TRP A 5 1.05 7.65 3.20
C TRP A 5 0.87 6.68 2.02
N ARG A 6 1.28 7.11 0.83
CA ARG A 6 1.11 6.33 -0.38
C ARG A 6 2.00 5.09 -0.34
N ARG A 7 3.12 5.23 0.34
CA ARG A 7 4.04 4.12 0.58
C ARG A 7 3.31 2.98 1.28
N TRP A 8 2.61 3.30 2.37
CA TRP A 8 1.84 2.30 3.10
C TRP A 8 0.71 1.77 2.23
N TRP A 9 0.09 2.70 1.51
CA TRP A 9 -0.95 2.38 0.54
C TRP A 9 -0.49 1.27 -0.41
N ARG A 10 0.71 1.40 -0.94
CA ARG A 10 1.25 0.43 -1.88
C ARG A 10 1.46 -0.93 -1.22
N ARG A 11 2.09 -0.92 -0.05
CA ARG A 11 2.34 -2.14 0.69
C ARG A 11 1.03 -2.82 1.06
N TRP A 12 0.04 -2.03 1.46
CA TRP A 12 -1.29 -2.52 1.78
C TRP A 12 -1.95 -3.16 0.56
N TRP A 13 -1.85 -2.48 -0.57
CA TRP A 13 -2.51 -2.88 -1.79
C TRP A 13 -2.06 -4.26 -2.23
N ARG A 14 -0.75 -4.42 -2.45
CA ARG A 14 -0.20 -5.68 -2.93
C ARG A 14 -0.43 -6.82 -1.94
N ARG A 15 -0.30 -6.52 -0.65
CA ARG A 15 -0.41 -7.53 0.37
C ARG A 15 -1.85 -8.02 0.53
N TRP A 16 -2.76 -7.11 0.84
CA TRP A 16 -4.13 -7.49 1.16
C TRP A 16 -4.93 -7.87 -0.08
N ARG A 17 -4.95 -7.00 -1.07
CA ARG A 17 -5.80 -7.18 -2.25
C ARG A 17 -5.28 -8.25 -3.20
N ARG A 18 -3.97 -8.41 -3.26
CA ARG A 18 -3.39 -9.37 -4.19
C ARG A 18 -2.95 -10.64 -3.46
N ARG A 3 3.02 12.42 -0.54
CA ARG A 3 1.97 11.69 0.15
C ARG A 3 2.57 10.45 0.81
N ARG A 4 3.14 10.65 1.98
CA ARG A 4 3.90 9.60 2.67
C ARG A 4 3.07 8.35 2.95
N TRP A 5 1.78 8.52 3.13
CA TRP A 5 0.90 7.38 3.43
C TRP A 5 0.69 6.50 2.20
N ARG A 6 0.72 7.09 1.02
CA ARG A 6 0.58 6.31 -0.23
C ARG A 6 1.72 5.32 -0.38
N ARG A 7 2.86 5.65 0.19
CA ARG A 7 4.01 4.75 0.25
C ARG A 7 3.59 3.42 0.86
N TRP A 8 3.00 3.49 2.05
CA TRP A 8 2.55 2.29 2.76
C TRP A 8 1.30 1.73 2.09
N TRP A 9 0.51 2.61 1.49
CA TRP A 9 -0.65 2.23 0.69
C TRP A 9 -0.29 1.12 -0.31
N ARG A 10 0.89 1.25 -0.92
CA ARG A 10 1.36 0.26 -1.89
C ARG A 10 1.56 -1.11 -1.22
N ARG A 11 2.00 -1.06 0.03
CA ARG A 11 2.23 -2.28 0.81
C ARG A 11 0.89 -2.93 1.13
N TRP A 12 -0.05 -2.11 1.61
CA TRP A 12 -1.42 -2.55 1.87
C TRP A 12 -2.04 -3.16 0.61
N TRP A 13 -1.85 -2.48 -0.51
CA TRP A 13 -2.40 -2.92 -1.80
C TRP A 13 -1.88 -4.31 -2.17
N ARG A 14 -0.57 -4.47 -2.19
CA ARG A 14 0.05 -5.71 -2.64
C ARG A 14 -0.25 -6.87 -1.68
N ARG A 15 -0.37 -6.57 -0.39
CA ARG A 15 -0.66 -7.61 0.59
C ARG A 15 -2.12 -8.06 0.53
N TRP A 16 -3.04 -7.15 0.81
CA TRP A 16 -4.44 -7.51 0.99
C TRP A 16 -5.14 -7.82 -0.34
N ARG A 17 -5.00 -6.92 -1.30
CA ARG A 17 -5.80 -6.97 -2.52
C ARG A 17 -5.39 -8.11 -3.45
N ARG A 18 -4.11 -8.46 -3.47
CA ARG A 18 -3.60 -9.42 -4.44
C ARG A 18 -3.83 -10.85 -3.96
N ARG A 3 3.51 13.00 0.01
CA ARG A 3 2.73 11.81 -0.30
C ARG A 3 3.21 10.59 0.51
N ARG A 4 3.57 10.82 1.76
CA ARG A 4 4.08 9.78 2.66
C ARG A 4 3.15 8.57 2.75
N TRP A 5 1.87 8.82 2.58
CA TRP A 5 0.84 7.79 2.73
C TRP A 5 0.94 6.72 1.63
N ARG A 6 1.39 7.12 0.45
CA ARG A 6 1.47 6.22 -0.71
C ARG A 6 2.33 5.00 -0.42
N ARG A 7 3.32 5.16 0.44
CA ARG A 7 4.19 4.06 0.83
C ARG A 7 3.40 2.90 1.43
N TRP A 8 2.66 3.20 2.48
CA TRP A 8 1.88 2.18 3.18
C TRP A 8 0.69 1.78 2.32
N TRP A 9 0.22 2.76 1.56
CA TRP A 9 -0.85 2.58 0.57
C TRP A 9 -0.58 1.39 -0.34
N ARG A 10 0.59 1.38 -0.98
CA ARG A 10 0.90 0.32 -1.93
C ARG A 10 1.21 -0.98 -1.19
N ARG A 11 1.78 -0.88 0.00
CA ARG A 11 2.09 -2.06 0.80
C ARG A 11 0.83 -2.83 1.17
N TRP A 12 -0.13 -2.11 1.73
CA TRP A 12 -1.42 -2.69 2.09
C TRP A 12 -2.12 -3.23 0.84
N TRP A 13 -2.06 -2.45 -0.24
CA TRP A 13 -2.73 -2.79 -1.48
C TRP A 13 -2.21 -4.10 -2.06
N ARG A 14 -0.90 -4.17 -2.26
CA ARG A 14 -0.29 -5.31 -2.94
C ARG A 14 -0.30 -6.56 -2.07
N ARG A 15 -0.20 -6.40 -0.77
CA ARG A 15 -0.21 -7.53 0.15
C ARG A 15 -1.60 -8.15 0.27
N TRP A 16 -2.57 -7.36 0.72
CA TRP A 16 -3.90 -7.88 0.99
C TRP A 16 -4.70 -8.12 -0.28
N ARG A 17 -4.85 -7.08 -1.10
CA ARG A 17 -5.78 -7.13 -2.23
C ARG A 17 -5.32 -8.08 -3.34
N ARG A 18 -4.05 -8.02 -3.69
CA ARG A 18 -3.54 -8.84 -4.79
C ARG A 18 -3.05 -10.20 -4.28
N ARG A 3 3.86 12.63 0.39
CA ARG A 3 3.63 11.38 -0.32
C ARG A 3 4.13 10.19 0.50
N ARG A 4 4.37 10.42 1.78
CA ARG A 4 4.88 9.39 2.69
C ARG A 4 3.85 8.26 2.87
N TRP A 5 2.59 8.64 2.90
CA TRP A 5 1.49 7.73 3.19
C TRP A 5 1.23 6.74 2.06
N ARG A 6 1.50 7.17 0.82
CA ARG A 6 1.21 6.36 -0.36
C ARG A 6 2.05 5.09 -0.34
N ARG A 7 3.21 5.16 0.31
CA ARG A 7 4.08 4.01 0.51
C ARG A 7 3.35 2.89 1.28
N TRP A 8 2.59 3.26 2.30
CA TRP A 8 1.84 2.29 3.08
C TRP A 8 0.67 1.79 2.25
N TRP A 9 0.09 2.72 1.50
CA TRP A 9 -1.00 2.44 0.58
C TRP A 9 -0.67 1.28 -0.36
N ARG A 10 0.47 1.37 -1.05
CA ARG A 10 0.86 0.35 -2.01
C ARG A 10 1.17 -0.98 -1.32
N ARG A 11 1.66 -0.91 -0.08
CA ARG A 11 1.96 -2.11 0.69
C ARG A 11 0.67 -2.83 1.05
N TRP A 12 -0.30 -2.08 1.55
CA TRP A 12 -1.64 -2.59 1.83
C TRP A 12 -2.24 -3.22 0.58
N TRP A 13 -2.09 -2.54 -0.54
CA TRP A 13 -2.60 -3.00 -1.82
C TRP A 13 -1.99 -4.36 -2.18
N ARG A 14 -0.67 -4.38 -2.35
CA ARG A 14 0.02 -5.56 -2.85
C ARG A 14 -0.10 -6.75 -1.90
N ARG A 15 -0.11 -6.47 -0.61
CA ARG A 15 -0.24 -7.54 0.38
C ARG A 15 -1.68 -8.06 0.45
N TRP A 16 -2.59 -7.18 0.85
CA TRP A 16 -3.96 -7.59 1.12
C TRP A 16 -4.76 -7.86 -0.15
N ARG A 17 -4.79 -6.87 -1.04
CA ARG A 17 -5.58 -6.96 -2.27
C ARG A 17 -5.07 -8.09 -3.15
N ARG A 18 -3.76 -8.07 -3.43
CA ARG A 18 -3.09 -9.12 -4.20
C ARG A 18 -3.62 -9.13 -5.64
#